data_1S1A
#
_entry.id   1S1A
#
_cell.length_a   56.868
_cell.length_b   83.212
_cell.length_c   123.230
_cell.angle_alpha   90.0
_cell.angle_beta   90.0
_cell.angle_gamma   90.0
#
_symmetry.space_group_name_H-M   'P 21 21 21'
#
loop_
_entity.id
_entity.type
_entity.pdbx_description
1 polymer Lectin
2 branched 'alpha-D-mannopyranose-(1-3)-methyl alpha-D-mannopyranoside'
3 non-polymer 'MANGANESE (II) ION'
4 non-polymer 'CALCIUM ION'
5 water water
#
_entity_poly.entity_id   1
_entity_poly.type   'polypeptide(L)'
_entity_poly.pdbx_seq_one_letter_code
;(PCA)DSLSFGFPTFPSDQKNLIFQGDAQIKNNAVQLTKTDSNGNPVASTVGRILFSAQVHLWEKSSSRVANFQSQFSFS
LKSPLSNGADGIAFFIAPPDTTIPSGSGGGLLGLFAPGTAQNTSANQVIAVEFDTFYAQDSNTWDPNYPHIGIDVNSIRS
VKTVKWDRRDGQSLNVLVTFNPSTRNLDVVATYSDGTRYEVSYEVDVRSVLPEWVRVGFSAASGEQYQTHTLESWSFTST
LLYTAQKKGENLALEM
;
_entity_poly.pdbx_strand_id   A,B
#
loop_
_chem_comp.id
_chem_comp.type
_chem_comp.name
_chem_comp.formula
CA non-polymer 'CALCIUM ION' 'Ca 2'
MAN D-saccharide, alpha linking alpha-D-mannopyranose 'C6 H12 O6'
MMA D-saccharide 'methyl alpha-D-mannopyranoside' 'C7 H14 O6'
MN non-polymer 'MANGANESE (II) ION' 'Mn 2'
#
# COMPACT_ATOMS: atom_id res chain seq x y z
N PCA A 1 -7.82 -3.42 -3.31
CA PCA A 1 -8.11 -2.11 -3.98
CB PCA A 1 -7.13 -1.08 -3.42
CG PCA A 1 -5.97 -1.88 -2.90
CD PCA A 1 -6.47 -3.29 -2.64
OE PCA A 1 -5.75 -4.15 -2.13
C PCA A 1 -7.97 -2.21 -5.49
O PCA A 1 -7.10 -2.92 -6.00
N ASP A 2 -8.84 -1.49 -6.19
CA ASP A 2 -8.81 -1.45 -7.65
C ASP A 2 -7.61 -0.61 -8.09
N SER A 3 -7.24 0.36 -7.26
CA SER A 3 -6.11 1.24 -7.57
C SER A 3 -5.16 1.34 -6.39
N LEU A 4 -3.87 1.45 -6.70
CA LEU A 4 -2.84 1.55 -5.69
C LEU A 4 -1.67 2.36 -6.22
N SER A 5 -1.11 3.24 -5.41
CA SER A 5 0.05 4.01 -5.85
C SER A 5 0.91 4.35 -4.64
N PHE A 6 2.21 4.45 -4.88
CA PHE A 6 3.13 4.82 -3.80
C PHE A 6 4.36 5.45 -4.41
N GLY A 7 5.01 6.32 -3.65
CA GLY A 7 6.20 6.97 -4.17
C GLY A 7 7.30 7.13 -3.13
N PHE A 8 8.50 6.73 -3.53
CA PHE A 8 9.69 6.85 -2.70
C PHE A 8 10.67 7.79 -3.42
N PRO A 9 10.65 9.09 -3.09
CA PRO A 9 11.57 10.04 -3.73
C PRO A 9 13.01 9.69 -3.32
N THR A 10 13.13 9.16 -2.11
CA THR A 10 14.40 8.71 -1.55
C THR A 10 14.04 7.56 -0.61
N PHE A 11 15.04 6.91 -0.04
CA PHE A 11 14.81 5.77 0.85
C PHE A 11 15.39 5.90 2.25
N PRO A 12 14.68 6.59 3.16
CA PRO A 12 15.17 6.75 4.54
C PRO A 12 15.33 5.39 5.21
N SER A 13 16.15 5.35 6.26
CA SER A 13 16.40 4.10 6.98
C SER A 13 15.21 3.44 7.68
N ASP A 14 14.25 4.23 8.15
CA ASP A 14 13.10 3.65 8.84
C ASP A 14 11.98 3.21 7.89
N GLN A 15 12.19 2.09 7.20
CA GLN A 15 11.18 1.57 6.28
C GLN A 15 10.23 0.62 6.98
N LYS A 16 8.96 0.69 6.61
CA LYS A 16 7.94 -0.17 7.21
C LYS A 16 7.26 -1.07 6.20
N ASN A 17 7.17 -0.62 4.95
CA ASN A 17 6.46 -1.37 3.91
C ASN A 17 7.32 -2.08 2.85
N LEU A 18 8.58 -2.33 3.16
CA LEU A 18 9.44 -3.02 2.21
C LEU A 18 9.88 -4.37 2.75
N ILE A 19 9.87 -5.38 1.87
CA ILE A 19 10.32 -6.71 2.25
C ILE A 19 11.73 -6.84 1.70
N PHE A 20 12.70 -6.99 2.58
CA PHE A 20 14.10 -7.12 2.19
C PHE A 20 14.45 -8.60 2.11
N GLN A 21 15.11 -9.00 1.02
CA GLN A 21 15.52 -10.39 0.85
C GLN A 21 17.00 -10.41 0.48
N GLY A 22 17.71 -11.43 0.92
CA GLY A 22 19.12 -11.52 0.60
C GLY A 22 19.94 -10.45 1.28
N ASP A 23 20.85 -9.82 0.54
CA ASP A 23 21.71 -8.79 1.09
C ASP A 23 21.23 -7.35 0.98
N ALA A 24 20.01 -7.15 0.47
CA ALA A 24 19.49 -5.79 0.31
C ALA A 24 19.35 -5.02 1.61
N GLN A 25 19.74 -3.75 1.59
CA GLN A 25 19.62 -2.90 2.78
C GLN A 25 19.68 -1.42 2.42
N ILE A 26 19.18 -0.59 3.32
CA ILE A 26 19.18 0.85 3.12
C ILE A 26 20.49 1.45 3.60
N LYS A 27 21.09 2.29 2.77
CA LYS A 27 22.34 2.97 3.11
C LYS A 27 22.38 4.31 2.38
N ASN A 28 22.57 5.38 3.15
CA ASN A 28 22.63 6.71 2.58
C ASN A 28 21.40 7.09 1.76
N ASN A 29 20.22 6.92 2.34
CA ASN A 29 18.95 7.27 1.68
C ASN A 29 18.68 6.56 0.36
N ALA A 30 19.35 5.43 0.14
CA ALA A 30 19.15 4.66 -1.09
C ALA A 30 19.14 3.18 -0.75
N VAL A 31 18.60 2.37 -1.64
CA VAL A 31 18.58 0.93 -1.41
C VAL A 31 19.79 0.29 -2.10
N GLN A 32 20.63 -0.38 -1.32
CA GLN A 32 21.78 -1.08 -1.87
C GLN A 32 21.34 -2.53 -1.98
N LEU A 33 21.02 -2.95 -3.21
CA LEU A 33 20.55 -4.32 -3.43
C LEU A 33 21.62 -5.37 -3.18
N THR A 34 22.86 -5.05 -3.55
CA THR A 34 23.96 -5.98 -3.35
C THR A 34 24.90 -5.49 -2.26
N LYS A 35 25.51 -6.44 -1.56
CA LYS A 35 26.42 -6.15 -0.45
C LYS A 35 27.62 -5.28 -0.79
N THR A 36 28.00 -4.44 0.17
CA THR A 36 29.14 -3.54 0.04
C THR A 36 29.94 -3.67 1.32
N ASP A 37 31.26 -3.47 1.24
CA ASP A 37 32.10 -3.59 2.43
C ASP A 37 32.01 -2.35 3.34
N SER A 38 32.84 -2.34 4.37
CA SER A 38 32.88 -1.26 5.34
C SER A 38 32.87 0.13 4.71
N ASN A 39 33.70 0.31 3.68
CA ASN A 39 33.79 1.61 3.00
C ASN A 39 32.96 1.72 1.72
N GLY A 40 31.74 1.17 1.77
CA GLY A 40 30.85 1.25 0.62
C GLY A 40 31.36 0.76 -0.72
N ASN A 41 32.22 -0.26 -0.71
CA ASN A 41 32.77 -0.82 -1.95
C ASN A 41 32.10 -2.16 -2.26
N PRO A 42 31.77 -2.39 -3.54
CA PRO A 42 31.12 -3.62 -3.99
C PRO A 42 31.93 -4.90 -3.73
N VAL A 43 31.22 -5.99 -3.43
CA VAL A 43 31.87 -7.27 -3.17
C VAL A 43 31.26 -8.37 -4.04
N ALA A 44 32.01 -9.44 -4.24
CA ALA A 44 31.55 -10.54 -5.07
C ALA A 44 30.58 -11.46 -4.34
N SER A 45 29.91 -12.32 -5.11
CA SER A 45 28.96 -13.29 -4.59
C SER A 45 27.90 -12.72 -3.66
N THR A 46 26.99 -11.92 -4.22
CA THR A 46 25.93 -11.32 -3.42
C THR A 46 24.65 -11.18 -4.23
N VAL A 47 23.52 -11.36 -3.55
CA VAL A 47 22.21 -11.24 -4.17
C VAL A 47 21.30 -10.50 -3.20
N GLY A 48 20.41 -9.66 -3.73
CA GLY A 48 19.50 -8.92 -2.87
C GLY A 48 18.28 -8.47 -3.65
N ARG A 49 17.14 -8.41 -2.97
CA ARG A 49 15.91 -7.97 -3.62
C ARG A 49 15.03 -7.25 -2.61
N ILE A 50 14.10 -6.44 -3.11
CA ILE A 50 13.14 -5.77 -2.24
C ILE A 50 11.81 -5.87 -2.94
N LEU A 51 10.74 -5.94 -2.15
CA LEU A 51 9.39 -6.03 -2.69
C LEU A 51 8.52 -5.10 -1.85
N PHE A 52 7.54 -4.47 -2.47
CA PHE A 52 6.63 -3.62 -1.70
C PHE A 52 5.70 -4.59 -1.00
N SER A 53 5.38 -4.32 0.26
CA SER A 53 4.53 -5.24 1.04
C SER A 53 3.10 -5.44 0.54
N ALA A 54 2.42 -4.36 0.17
CA ALA A 54 1.05 -4.49 -0.31
C ALA A 54 0.99 -5.21 -1.65
N GLN A 55 0.05 -6.13 -1.80
CA GLN A 55 -0.13 -6.86 -3.04
C GLN A 55 -0.87 -6.02 -4.07
N VAL A 56 -0.50 -6.19 -5.33
CA VAL A 56 -1.10 -5.44 -6.43
C VAL A 56 -2.10 -6.32 -7.16
N HIS A 57 -3.30 -5.79 -7.40
CA HIS A 57 -4.32 -6.54 -8.11
C HIS A 57 -4.10 -6.29 -9.61
N LEU A 58 -3.35 -7.18 -10.24
CA LEU A 58 -2.99 -7.08 -11.67
C LEU A 58 -4.14 -7.35 -12.64
N TRP A 59 -4.99 -8.31 -12.32
CA TRP A 59 -6.14 -8.60 -13.16
C TRP A 59 -7.21 -9.29 -12.34
N GLU A 60 -8.47 -9.16 -12.79
CA GLU A 60 -9.59 -9.74 -12.07
C GLU A 60 -10.43 -10.58 -13.03
N LYS A 61 -10.40 -11.89 -12.83
CA LYS A 61 -11.13 -12.82 -13.68
C LYS A 61 -12.64 -12.64 -13.69
N SER A 62 -13.22 -12.22 -12.57
CA SER A 62 -14.67 -12.04 -12.47
C SER A 62 -15.19 -10.89 -13.34
N SER A 63 -14.50 -9.76 -13.30
CA SER A 63 -14.91 -8.58 -14.07
C SER A 63 -14.23 -8.52 -15.43
N SER A 64 -13.24 -9.39 -15.63
CA SER A 64 -12.50 -9.45 -16.88
C SER A 64 -11.70 -8.16 -17.07
N ARG A 65 -11.24 -7.57 -15.96
CA ARG A 65 -10.45 -6.35 -16.03
C ARG A 65 -8.97 -6.65 -15.88
N VAL A 66 -8.14 -5.78 -16.43
CA VAL A 66 -6.70 -5.92 -16.34
C VAL A 66 -6.15 -4.54 -15.98
N ALA A 67 -5.15 -4.52 -15.11
CA ALA A 67 -4.59 -3.26 -14.65
C ALA A 67 -3.59 -2.64 -15.61
N ASN A 68 -3.57 -1.32 -15.62
CA ASN A 68 -2.60 -0.58 -16.41
C ASN A 68 -1.65 -0.19 -15.28
N PHE A 69 -0.35 -0.21 -15.53
CA PHE A 69 0.54 0.19 -14.45
C PHE A 69 1.74 0.95 -14.99
N GLN A 70 2.35 1.75 -14.12
CA GLN A 70 3.50 2.55 -14.49
C GLN A 70 4.48 2.50 -13.33
N SER A 71 5.74 2.21 -13.65
CA SER A 71 6.77 2.15 -12.62
C SER A 71 7.89 3.06 -13.09
N GLN A 72 8.23 4.03 -12.24
CA GLN A 72 9.28 4.98 -12.57
C GLN A 72 10.35 4.84 -11.51
N PHE A 73 11.61 4.70 -11.92
CA PHE A 73 12.68 4.54 -10.96
C PHE A 73 14.02 4.96 -11.53
N SER A 74 14.98 5.19 -10.64
CA SER A 74 16.32 5.57 -11.07
C SER A 74 17.33 4.76 -10.27
N PHE A 75 18.43 4.39 -10.92
CA PHE A 75 19.46 3.63 -10.24
C PHE A 75 20.82 3.98 -10.81
N SER A 76 21.87 3.64 -10.08
CA SER A 76 23.23 3.88 -10.55
C SER A 76 24.06 2.64 -10.24
N LEU A 77 25.09 2.42 -11.04
CA LEU A 77 25.97 1.27 -10.88
C LEU A 77 27.38 1.79 -10.75
N LYS A 78 28.14 1.25 -9.80
CA LYS A 78 29.51 1.71 -9.60
C LYS A 78 30.42 0.52 -9.35
N SER A 79 31.61 0.56 -9.94
CA SER A 79 32.57 -0.52 -9.77
C SER A 79 34.00 -0.03 -9.94
N PRO A 80 34.93 -0.52 -9.11
CA PRO A 80 36.34 -0.15 -9.16
C PRO A 80 36.97 -0.45 -10.52
N LEU A 81 36.44 -1.47 -11.19
CA LEU A 81 36.92 -1.86 -12.50
C LEU A 81 35.93 -1.43 -13.59
N SER A 82 35.94 -2.16 -14.70
CA SER A 82 35.03 -1.86 -15.80
C SER A 82 34.09 -3.03 -16.16
N ASN A 83 34.46 -4.27 -15.85
CA ASN A 83 33.55 -5.38 -16.17
C ASN A 83 32.56 -5.56 -15.03
N GLY A 84 31.88 -4.50 -14.63
CA GLY A 84 30.93 -4.64 -13.53
C GLY A 84 29.85 -5.65 -13.87
N ALA A 85 29.38 -6.40 -12.87
CA ALA A 85 28.32 -7.40 -13.06
C ALA A 85 27.48 -7.49 -11.79
N ASP A 86 26.28 -8.07 -11.87
CA ASP A 86 25.71 -8.64 -13.08
C ASP A 86 24.54 -7.85 -13.67
N GLY A 87 23.91 -7.03 -12.83
CA GLY A 87 22.80 -6.23 -13.31
C GLY A 87 21.67 -6.11 -12.32
N ILE A 88 20.70 -5.27 -12.66
CA ILE A 88 19.56 -5.03 -11.80
C ILE A 88 18.28 -5.23 -12.61
N ALA A 89 17.20 -5.62 -11.96
CA ALA A 89 15.94 -5.82 -12.66
C ALA A 89 14.72 -5.45 -11.85
N PHE A 90 13.73 -4.90 -12.54
CA PHE A 90 12.45 -4.56 -11.94
C PHE A 90 11.64 -5.82 -12.25
N PHE A 91 10.95 -6.38 -11.26
CA PHE A 91 10.17 -7.57 -11.58
C PHE A 91 8.81 -7.62 -10.92
N ILE A 92 7.95 -8.46 -11.48
CA ILE A 92 6.60 -8.67 -11.00
C ILE A 92 6.48 -10.19 -10.83
N ALA A 93 6.01 -10.64 -9.67
CA ALA A 93 5.93 -12.08 -9.43
C ALA A 93 4.86 -12.42 -8.39
N PRO A 94 4.58 -13.72 -8.18
CA PRO A 94 3.58 -14.12 -7.19
C PRO A 94 4.00 -13.52 -5.85
N PRO A 95 3.03 -13.23 -4.98
CA PRO A 95 3.29 -12.64 -3.66
C PRO A 95 4.29 -13.34 -2.75
N ASP A 96 4.36 -14.66 -2.82
CA ASP A 96 5.26 -15.41 -1.94
C ASP A 96 6.64 -15.67 -2.53
N THR A 97 6.99 -14.95 -3.59
CA THR A 97 8.29 -15.15 -4.22
C THR A 97 9.46 -14.95 -3.26
N THR A 98 10.48 -15.79 -3.42
CA THR A 98 11.68 -15.72 -2.60
C THR A 98 12.88 -15.99 -3.53
N ILE A 99 14.07 -15.68 -3.07
CA ILE A 99 15.28 -15.88 -3.86
C ILE A 99 15.48 -17.37 -4.12
N PRO A 100 15.48 -17.79 -5.40
CA PRO A 100 15.68 -19.19 -5.76
C PRO A 100 17.09 -19.64 -5.42
N SER A 101 17.25 -20.90 -5.02
CA SER A 101 18.55 -21.44 -4.66
C SER A 101 19.50 -21.37 -5.87
N GLY A 102 20.69 -20.82 -5.65
CA GLY A 102 21.68 -20.71 -6.71
C GLY A 102 21.31 -19.77 -7.85
N SER A 103 20.58 -18.70 -7.53
CA SER A 103 20.15 -17.75 -8.56
C SER A 103 21.09 -16.54 -8.67
N GLY A 104 22.30 -16.68 -8.14
CA GLY A 104 23.26 -15.58 -8.19
C GLY A 104 23.83 -15.30 -9.57
N GLY A 105 24.78 -14.38 -9.62
CA GLY A 105 25.42 -14.04 -10.88
C GLY A 105 24.46 -13.66 -11.99
N GLY A 106 24.65 -14.25 -13.15
CA GLY A 106 23.82 -13.98 -14.32
C GLY A 106 22.35 -14.29 -14.21
N LEU A 107 21.94 -15.01 -13.18
CA LEU A 107 20.52 -15.32 -13.01
C LEU A 107 19.80 -14.19 -12.29
N LEU A 108 20.57 -13.18 -11.92
CA LEU A 108 20.05 -11.97 -11.29
C LEU A 108 19.16 -12.14 -10.05
N GLY A 109 19.21 -13.31 -9.43
CA GLY A 109 18.39 -13.55 -8.24
C GLY A 109 16.93 -13.78 -8.58
N LEU A 110 16.64 -14.05 -9.85
CA LEU A 110 15.28 -14.28 -10.31
C LEU A 110 14.95 -15.70 -10.71
N PHE A 111 15.93 -16.44 -11.23
CA PHE A 111 15.67 -17.80 -11.66
C PHE A 111 16.60 -18.83 -11.04
N ALA A 112 16.15 -20.08 -11.03
CA ALA A 112 16.95 -21.20 -10.52
C ALA A 112 17.69 -21.76 -11.73
N PRO A 113 18.92 -22.25 -11.53
CA PRO A 113 19.73 -22.81 -12.61
C PRO A 113 19.05 -23.84 -13.50
N GLY A 114 18.50 -24.89 -12.88
CA GLY A 114 17.86 -25.95 -13.65
C GLY A 114 16.62 -25.59 -14.44
N THR A 115 16.02 -24.43 -14.16
CA THR A 115 14.80 -24.05 -14.85
C THR A 115 14.82 -22.62 -15.39
N ALA A 116 16.00 -22.01 -15.40
CA ALA A 116 16.16 -20.63 -15.85
C ALA A 116 15.62 -20.33 -17.25
N GLN A 117 15.62 -21.32 -18.13
CA GLN A 117 15.12 -21.09 -19.49
C GLN A 117 13.87 -21.89 -19.84
N ASN A 118 13.19 -22.40 -18.81
CA ASN A 118 11.96 -23.17 -19.01
C ASN A 118 10.77 -22.25 -18.69
N THR A 119 10.13 -21.74 -19.74
CA THR A 119 9.00 -20.83 -19.56
C THR A 119 7.81 -21.39 -18.80
N SER A 120 7.54 -22.68 -18.97
CA SER A 120 6.40 -23.29 -18.28
C SER A 120 6.69 -23.59 -16.80
N ALA A 121 7.92 -23.33 -16.37
CA ALA A 121 8.29 -23.59 -14.99
C ALA A 121 8.41 -22.32 -14.13
N ASN A 122 8.27 -21.16 -14.75
CA ASN A 122 8.39 -19.89 -14.03
C ASN A 122 7.15 -18.99 -14.15
N GLN A 123 7.07 -18.03 -13.24
CA GLN A 123 5.99 -17.03 -13.20
C GLN A 123 6.63 -15.70 -12.85
N VAL A 124 7.18 -15.02 -13.84
CA VAL A 124 7.83 -13.75 -13.59
C VAL A 124 7.97 -12.93 -14.86
N ILE A 125 7.78 -11.62 -14.72
CA ILE A 125 7.96 -10.69 -15.81
C ILE A 125 8.98 -9.73 -15.23
N ALA A 126 10.05 -9.48 -15.97
CA ALA A 126 11.08 -8.59 -15.46
C ALA A 126 11.70 -7.75 -16.56
N VAL A 127 12.20 -6.59 -16.17
CA VAL A 127 12.89 -5.69 -17.09
C VAL A 127 14.29 -5.65 -16.51
N GLU A 128 15.24 -6.22 -17.26
CA GLU A 128 16.62 -6.29 -16.78
C GLU A 128 17.57 -5.30 -17.44
N PHE A 129 18.56 -4.87 -16.67
CA PHE A 129 19.60 -3.97 -17.12
C PHE A 129 20.83 -4.81 -16.84
N ASP A 130 21.21 -5.56 -17.87
CA ASP A 130 22.28 -6.55 -17.86
C ASP A 130 23.63 -6.02 -18.35
N THR A 131 24.62 -5.99 -17.47
CA THR A 131 25.93 -5.48 -17.83
C THR A 131 27.01 -6.53 -18.07
N PHE A 132 26.68 -7.81 -17.88
CA PHE A 132 27.67 -8.87 -18.07
C PHE A 132 27.12 -9.91 -19.02
N TYR A 133 27.87 -10.20 -20.08
CA TYR A 133 27.40 -11.12 -21.11
C TYR A 133 28.39 -12.19 -21.57
N ALA A 134 29.44 -12.46 -20.79
CA ALA A 134 30.43 -13.47 -21.15
C ALA A 134 29.70 -14.76 -21.54
N GLN A 135 29.97 -15.23 -22.75
CA GLN A 135 29.31 -16.43 -23.27
C GLN A 135 29.60 -17.75 -22.56
N ASP A 136 30.63 -17.80 -21.73
CA ASP A 136 30.95 -19.03 -21.02
C ASP A 136 29.94 -19.27 -19.89
N SER A 137 29.48 -18.19 -19.26
CA SER A 137 28.53 -18.29 -18.15
C SER A 137 27.13 -17.76 -18.46
N ASN A 138 27.03 -16.76 -19.32
CA ASN A 138 25.73 -16.18 -19.69
C ASN A 138 25.46 -16.53 -21.17
N THR A 139 25.35 -17.82 -21.45
CA THR A 139 25.14 -18.30 -22.82
C THR A 139 23.88 -17.79 -23.50
N TRP A 140 22.89 -17.38 -22.71
CA TRP A 140 21.62 -16.89 -23.24
C TRP A 140 21.65 -15.42 -23.67
N ASP A 141 22.70 -14.70 -23.30
CA ASP A 141 22.81 -13.28 -23.63
C ASP A 141 23.39 -12.90 -24.99
N PRO A 142 22.96 -11.75 -25.52
CA PRO A 142 23.47 -11.27 -26.81
C PRO A 142 24.88 -10.83 -26.39
N ASN A 143 25.79 -10.65 -27.34
CA ASN A 143 27.16 -10.29 -26.97
C ASN A 143 27.44 -8.81 -26.75
N TYR A 144 26.69 -8.18 -25.85
CA TYR A 144 26.85 -6.77 -25.53
C TYR A 144 25.91 -6.37 -24.39
N PRO A 145 26.24 -5.29 -23.66
CA PRO A 145 25.39 -4.83 -22.56
C PRO A 145 24.01 -4.55 -23.13
N HIS A 146 22.96 -4.78 -22.35
CA HIS A 146 21.62 -4.60 -22.88
C HIS A 146 20.51 -4.46 -21.86
N ILE A 147 19.37 -3.96 -22.32
CA ILE A 147 18.19 -3.86 -21.49
C ILE A 147 17.30 -4.93 -22.10
N GLY A 148 16.66 -5.74 -21.27
CA GLY A 148 15.82 -6.77 -21.84
C GLY A 148 14.52 -6.99 -21.10
N ILE A 149 13.53 -7.53 -21.81
CA ILE A 149 12.26 -7.84 -21.21
C ILE A 149 12.28 -9.36 -21.04
N ASP A 150 12.09 -9.82 -19.81
CA ASP A 150 12.11 -11.25 -19.49
C ASP A 150 10.74 -11.74 -19.12
N VAL A 151 10.26 -12.77 -19.82
CA VAL A 151 8.96 -13.35 -19.52
C VAL A 151 9.18 -14.83 -19.26
N ASN A 152 9.21 -15.20 -17.98
CA ASN A 152 9.41 -16.57 -17.53
C ASN A 152 10.73 -17.23 -17.93
N SER A 153 11.72 -16.43 -18.35
CA SER A 153 13.00 -16.97 -18.75
C SER A 153 14.10 -15.92 -18.65
N ILE A 154 15.32 -16.36 -18.37
CA ILE A 154 16.45 -15.44 -18.26
C ILE A 154 16.87 -15.03 -19.67
N ARG A 155 16.39 -15.76 -20.67
CA ARG A 155 16.69 -15.44 -22.06
C ARG A 155 15.58 -14.49 -22.51
N SER A 156 15.91 -13.20 -22.53
CA SER A 156 14.98 -12.14 -22.89
C SER A 156 14.23 -12.35 -24.19
N VAL A 157 12.93 -12.06 -24.19
CA VAL A 157 12.14 -12.19 -25.40
C VAL A 157 12.45 -11.02 -26.33
N LYS A 158 13.02 -9.94 -25.77
CA LYS A 158 13.35 -8.76 -26.57
C LYS A 158 14.44 -7.97 -25.86
N THR A 159 15.43 -7.48 -26.61
CA THR A 159 16.51 -6.70 -26.01
C THR A 159 16.88 -5.50 -26.87
N VAL A 160 17.61 -4.58 -26.27
CA VAL A 160 18.10 -3.41 -26.98
C VAL A 160 19.50 -3.15 -26.44
N LYS A 161 20.44 -2.81 -27.33
CA LYS A 161 21.79 -2.53 -26.86
C LYS A 161 21.75 -1.34 -25.93
N TRP A 162 22.51 -1.43 -24.85
CA TRP A 162 22.56 -0.38 -23.84
C TRP A 162 24.01 -0.07 -23.47
N ASP A 163 24.23 1.11 -22.90
CA ASP A 163 25.56 1.54 -22.50
C ASP A 163 25.65 1.72 -20.99
N ARG A 164 26.59 1.02 -20.37
CA ARG A 164 26.76 1.13 -18.92
C ARG A 164 27.65 2.36 -18.65
N ARG A 165 27.21 3.20 -17.72
CA ARG A 165 27.99 4.39 -17.36
C ARG A 165 28.22 4.38 -15.85
N ASP A 166 29.45 4.14 -15.45
CA ASP A 166 29.80 4.07 -14.04
C ASP A 166 29.41 5.34 -13.28
N GLY A 167 28.67 5.18 -12.19
CA GLY A 167 28.27 6.31 -11.38
C GLY A 167 27.19 7.24 -11.88
N GLN A 168 26.65 7.00 -13.07
CA GLN A 168 25.60 7.86 -13.60
C GLN A 168 24.22 7.25 -13.42
N SER A 169 23.28 8.06 -12.94
CA SER A 169 21.92 7.60 -12.70
C SER A 169 21.10 7.43 -13.99
N LEU A 170 20.43 6.29 -14.11
CA LEU A 170 19.59 6.02 -15.28
C LEU A 170 18.14 6.16 -14.84
N ASN A 171 17.39 6.99 -15.54
CA ASN A 171 15.98 7.22 -15.23
C ASN A 171 15.16 6.27 -16.09
N VAL A 172 14.30 5.49 -15.46
CA VAL A 172 13.51 4.52 -16.20
C VAL A 172 12.00 4.62 -16.01
N LEU A 173 11.27 4.43 -17.09
CA LEU A 173 9.82 4.45 -17.06
C LEU A 173 9.33 3.15 -17.69
N VAL A 174 8.61 2.35 -16.92
CA VAL A 174 8.06 1.09 -17.43
C VAL A 174 6.54 1.23 -17.40
N THR A 175 5.89 1.00 -18.53
CA THR A 175 4.45 1.15 -18.60
C THR A 175 3.78 -0.05 -19.26
N PHE A 176 2.63 -0.43 -18.75
CA PHE A 176 1.87 -1.54 -19.34
C PHE A 176 0.48 -1.03 -19.65
N ASN A 177 0.08 -1.15 -20.91
CA ASN A 177 -1.22 -0.70 -21.37
C ASN A 177 -2.07 -1.95 -21.66
N PRO A 178 -3.12 -2.20 -20.86
CA PRO A 178 -3.99 -3.37 -21.05
C PRO A 178 -4.78 -3.36 -22.36
N SER A 179 -4.99 -2.17 -22.90
CA SER A 179 -5.75 -2.02 -24.13
C SER A 179 -4.98 -2.60 -25.32
N THR A 180 -3.67 -2.35 -25.34
CA THR A 180 -2.81 -2.83 -26.43
C THR A 180 -1.93 -3.99 -26.01
N ARG A 181 -1.86 -4.24 -24.71
CA ARG A 181 -1.03 -5.32 -24.15
C ARG A 181 0.46 -5.05 -24.33
N ASN A 182 0.81 -3.79 -24.55
CA ASN A 182 2.21 -3.43 -24.73
C ASN A 182 2.90 -3.03 -23.44
N LEU A 183 4.04 -3.66 -23.20
CA LEU A 183 4.86 -3.35 -22.04
C LEU A 183 5.98 -2.51 -22.65
N ASP A 184 6.02 -1.22 -22.31
CA ASP A 184 7.03 -0.32 -22.86
C ASP A 184 8.06 0.10 -21.83
N VAL A 185 9.31 0.18 -22.27
CA VAL A 185 10.41 0.58 -21.41
C VAL A 185 11.16 1.74 -22.06
N VAL A 186 11.34 2.81 -21.31
CA VAL A 186 12.07 3.99 -21.79
C VAL A 186 13.08 4.33 -20.71
N ALA A 187 14.36 4.34 -21.08
CA ALA A 187 15.42 4.66 -20.12
C ALA A 187 16.25 5.81 -20.65
N THR A 188 16.60 6.75 -19.78
CA THR A 188 17.38 7.90 -20.22
C THR A 188 18.45 8.34 -19.23
N TYR A 189 19.57 8.80 -19.77
CA TYR A 189 20.63 9.34 -18.93
C TYR A 189 20.38 10.85 -18.90
N SER A 190 20.98 11.55 -17.94
CA SER A 190 20.76 12.98 -17.81
C SER A 190 21.09 13.81 -19.04
N ASP A 191 21.98 13.33 -19.90
CA ASP A 191 22.35 14.09 -21.10
C ASP A 191 21.35 13.91 -22.23
N GLY A 192 20.31 13.12 -21.98
CA GLY A 192 19.30 12.90 -22.99
C GLY A 192 19.42 11.61 -23.78
N THR A 193 20.49 10.86 -23.57
CA THR A 193 20.65 9.59 -24.28
C THR A 193 19.49 8.69 -23.87
N ARG A 194 18.75 8.21 -24.86
CA ARG A 194 17.54 7.42 -24.64
C ARG A 194 17.58 5.99 -25.21
N TYR A 195 16.97 5.05 -24.50
CA TYR A 195 16.90 3.67 -24.95
C TYR A 195 15.45 3.23 -24.82
N GLU A 196 14.95 2.53 -25.84
CA GLU A 196 13.57 2.08 -25.80
C GLU A 196 13.41 0.63 -26.25
N VAL A 197 12.54 -0.10 -25.56
CA VAL A 197 12.27 -1.48 -25.91
C VAL A 197 10.85 -1.80 -25.46
N SER A 198 10.10 -2.53 -26.29
CA SER A 198 8.72 -2.87 -25.95
C SER A 198 8.40 -4.28 -26.43
N TYR A 199 7.36 -4.84 -25.85
CA TYR A 199 6.94 -6.19 -26.21
C TYR A 199 5.47 -6.38 -25.85
N GLU A 200 4.74 -7.12 -26.68
CA GLU A 200 3.33 -7.36 -26.43
C GLU A 200 3.19 -8.62 -25.57
N VAL A 201 2.52 -8.49 -24.43
CA VAL A 201 2.34 -9.63 -23.54
C VAL A 201 1.00 -9.61 -22.81
N ASP A 202 0.36 -10.78 -22.75
CA ASP A 202 -0.91 -10.91 -22.06
C ASP A 202 -0.56 -11.32 -20.64
N VAL A 203 -0.54 -10.37 -19.73
CA VAL A 203 -0.17 -10.67 -18.35
C VAL A 203 -1.06 -11.71 -17.68
N ARG A 204 -2.30 -11.84 -18.14
CA ARG A 204 -3.24 -12.80 -17.57
C ARG A 204 -2.80 -14.26 -17.70
N SER A 205 -2.02 -14.55 -18.74
CA SER A 205 -1.56 -15.93 -18.96
C SER A 205 -0.20 -16.22 -18.34
N VAL A 206 0.43 -15.20 -17.76
CA VAL A 206 1.74 -15.37 -17.16
C VAL A 206 1.75 -15.27 -15.64
N LEU A 207 0.96 -14.36 -15.10
CA LEU A 207 0.92 -14.13 -13.66
C LEU A 207 -0.46 -14.29 -13.03
N PRO A 208 -0.51 -14.57 -11.72
CA PRO A 208 -1.77 -14.73 -10.98
C PRO A 208 -2.45 -13.36 -10.88
N GLU A 209 -3.67 -13.34 -10.35
CA GLU A 209 -4.42 -12.09 -10.22
C GLU A 209 -3.77 -11.10 -9.26
N TRP A 210 -3.17 -11.59 -8.18
CA TRP A 210 -2.49 -10.73 -7.22
C TRP A 210 -1.00 -11.00 -7.28
N VAL A 211 -0.21 -9.94 -7.30
CA VAL A 211 1.23 -10.05 -7.38
C VAL A 211 1.94 -9.04 -6.49
N ARG A 212 3.26 -9.16 -6.43
CA ARG A 212 4.07 -8.19 -5.69
C ARG A 212 5.10 -7.67 -6.69
N VAL A 213 5.51 -6.42 -6.51
CA VAL A 213 6.48 -5.80 -7.40
C VAL A 213 7.73 -5.39 -6.64
N GLY A 214 8.86 -5.40 -7.32
CA GLY A 214 10.09 -5.02 -6.65
C GLY A 214 11.30 -5.02 -7.55
N PHE A 215 12.48 -5.12 -6.94
CA PHE A 215 13.73 -5.13 -7.68
C PHE A 215 14.66 -6.23 -7.19
N SER A 216 15.55 -6.68 -8.07
CA SER A 216 16.50 -7.72 -7.74
C SER A 216 17.81 -7.39 -8.42
N ALA A 217 18.91 -7.77 -7.78
CA ALA A 217 20.23 -7.54 -8.35
C ALA A 217 21.19 -8.58 -7.81
N ALA A 218 22.27 -8.82 -8.54
CA ALA A 218 23.24 -9.81 -8.11
C ALA A 218 24.62 -9.53 -8.70
N SER A 219 25.62 -10.11 -8.06
CA SER A 219 27.01 -10.01 -8.52
C SER A 219 27.65 -11.36 -8.30
N GLY A 220 28.23 -11.92 -9.35
CA GLY A 220 28.89 -13.21 -9.23
C GLY A 220 30.35 -12.97 -8.90
N GLU A 221 31.25 -13.42 -9.77
CA GLU A 221 32.67 -13.21 -9.53
C GLU A 221 33.06 -11.78 -9.87
N GLN A 222 32.32 -11.18 -10.81
CA GLN A 222 32.53 -9.79 -11.19
C GLN A 222 31.49 -9.03 -10.39
N TYR A 223 31.78 -7.78 -10.02
CA TYR A 223 30.86 -7.03 -9.18
C TYR A 223 30.74 -5.53 -9.43
N GLN A 224 29.71 -4.95 -8.82
CA GLN A 224 29.40 -3.53 -8.92
C GLN A 224 28.25 -3.30 -7.96
N THR A 225 28.10 -2.06 -7.50
CA THR A 225 26.99 -1.75 -6.61
C THR A 225 25.75 -1.60 -7.49
N HIS A 226 24.59 -1.90 -6.92
CA HIS A 226 23.32 -1.75 -7.63
C HIS A 226 22.49 -0.89 -6.70
N THR A 227 22.57 0.42 -6.91
CA THR A 227 21.90 1.39 -6.06
C THR A 227 20.58 1.92 -6.61
N LEU A 228 19.49 1.60 -5.92
CA LEU A 228 18.16 2.06 -6.31
C LEU A 228 17.97 3.38 -5.58
N GLU A 229 17.80 4.46 -6.33
CA GLU A 229 17.69 5.80 -5.76
C GLU A 229 16.30 6.35 -5.51
N SER A 230 15.35 5.98 -6.34
CA SER A 230 13.98 6.45 -6.19
C SER A 230 13.05 5.49 -6.90
N TRP A 231 11.79 5.48 -6.51
CA TRP A 231 10.82 4.57 -7.11
C TRP A 231 9.38 5.00 -6.86
N SER A 232 8.59 5.04 -7.93
CA SER A 232 7.17 5.39 -7.83
C SER A 232 6.42 4.34 -8.65
N PHE A 233 5.24 3.96 -8.18
CA PHE A 233 4.45 2.95 -8.86
C PHE A 233 2.97 3.25 -8.75
N THR A 234 2.23 2.99 -9.82
CA THR A 234 0.79 3.21 -9.80
C THR A 234 0.14 2.15 -10.68
N SER A 235 -1.00 1.62 -10.23
CA SER A 235 -1.73 0.63 -11.02
C SER A 235 -3.21 0.88 -10.84
N THR A 236 -3.98 0.65 -11.89
CA THR A 236 -5.42 0.85 -11.85
C THR A 236 -6.10 -0.21 -12.71
N LEU A 237 -7.05 -0.95 -12.13
CA LEU A 237 -7.79 -1.96 -12.90
C LEU A 237 -8.71 -1.27 -13.91
N LEU A 238 -8.64 -1.68 -15.17
CA LEU A 238 -9.46 -1.08 -16.21
C LEU A 238 -10.20 -2.08 -17.09
N TYR A 239 -11.27 -1.61 -17.71
CA TYR A 239 -12.07 -2.41 -18.64
C TYR A 239 -11.52 -2.15 -20.03
N THR A 240 -11.09 -3.20 -20.73
CA THR A 240 -10.55 -3.02 -22.07
C THR A 240 -11.64 -3.18 -23.14
N ALA A 241 -11.51 -2.42 -24.22
N PCA B 1 7.28 4.98 2.03
CA PCA B 1 6.97 5.92 0.91
CB PCA B 1 5.93 5.25 0.03
CG PCA B 1 5.30 4.19 0.87
CD PCA B 1 6.27 3.87 1.99
OE PCA B 1 6.05 2.95 2.78
C PCA B 1 6.44 7.25 1.44
O PCA B 1 5.71 7.27 2.43
N ASP B 2 6.81 8.35 0.79
CA ASP B 2 6.35 9.68 1.18
C ASP B 2 4.89 9.81 0.80
N SER B 3 4.48 9.11 -0.25
CA SER B 3 3.10 9.17 -0.70
C SER B 3 2.51 7.79 -0.89
N LEU B 4 1.23 7.66 -0.57
CA LEU B 4 0.52 6.39 -0.69
C LEU B 4 -0.95 6.67 -0.96
N SER B 5 -1.55 5.90 -1.84
CA SER B 5 -2.96 6.07 -2.13
C SER B 5 -3.54 4.75 -2.57
N PHE B 6 -4.82 4.54 -2.28
CA PHE B 6 -5.49 3.32 -2.69
C PHE B 6 -6.98 3.59 -2.77
N GLY B 7 -7.67 2.84 -3.61
CA GLY B 7 -9.09 3.05 -3.76
C GLY B 7 -9.88 1.77 -3.87
N PHE B 8 -10.97 1.70 -3.10
CA PHE B 8 -11.86 0.55 -3.11
C PHE B 8 -13.26 1.05 -3.54
N PRO B 9 -13.55 1.05 -4.86
CA PRO B 9 -14.88 1.49 -5.30
C PRO B 9 -15.94 0.56 -4.72
N THR B 10 -15.55 -0.69 -4.52
CA THR B 10 -16.38 -1.75 -3.93
C THR B 10 -15.40 -2.67 -3.21
N PHE B 11 -15.94 -3.66 -2.49
CA PHE B 11 -15.12 -4.61 -1.75
C PHE B 11 -15.39 -6.05 -2.13
N PRO B 12 -14.75 -6.54 -3.21
CA PRO B 12 -14.94 -7.93 -3.64
C PRO B 12 -14.48 -8.88 -2.53
N SER B 13 -15.02 -10.09 -2.52
CA SER B 13 -14.68 -11.07 -1.49
C SER B 13 -13.19 -11.42 -1.43
N ASP B 14 -12.51 -11.32 -2.57
CA ASP B 14 -11.09 -11.66 -2.65
C ASP B 14 -10.19 -10.49 -2.25
N GLN B 15 -9.91 -10.36 -0.95
CA GLN B 15 -9.07 -9.30 -0.41
C GLN B 15 -7.71 -9.79 0.05
N LYS B 16 -6.68 -8.97 -0.16
CA LYS B 16 -5.32 -9.34 0.25
C LYS B 16 -4.65 -8.31 1.16
N ASN B 17 -5.03 -7.05 1.02
CA ASN B 17 -4.43 -5.98 1.80
C ASN B 17 -5.23 -5.40 2.96
N LEU B 18 -6.21 -6.17 3.45
CA LEU B 18 -7.00 -5.70 4.58
C LEU B 18 -6.78 -6.59 5.78
N ILE B 19 -6.68 -5.97 6.96
CA ILE B 19 -6.52 -6.69 8.20
C ILE B 19 -7.90 -6.71 8.84
N PHE B 20 -8.46 -7.90 9.01
CA PHE B 20 -9.79 -8.03 9.60
C PHE B 20 -9.66 -8.35 11.10
N GLN B 21 -10.38 -7.59 11.92
CA GLN B 21 -10.34 -7.83 13.35
C GLN B 21 -11.78 -7.99 13.86
N GLY B 22 -11.95 -8.84 14.86
CA GLY B 22 -13.28 -9.04 15.40
C GLY B 22 -14.21 -9.76 14.42
N ASP B 23 -15.44 -9.27 14.31
CA ASP B 23 -16.42 -9.90 13.42
C ASP B 23 -16.49 -9.37 12.00
N ALA B 24 -15.64 -8.39 11.66
CA ALA B 24 -15.65 -7.81 10.33
C ALA B 24 -15.42 -8.85 9.23
N GLN B 25 -16.16 -8.70 8.13
CA GLN B 25 -16.03 -9.60 6.99
C GLN B 25 -16.71 -9.03 5.76
N ILE B 26 -16.30 -9.50 4.59
CA ILE B 26 -16.88 -9.04 3.34
C ILE B 26 -18.12 -9.85 2.98
N LYS B 27 -19.19 -9.14 2.61
CA LYS B 27 -20.44 -9.79 2.21
C LYS B 27 -21.13 -8.88 1.20
N ASN B 28 -21.50 -9.47 0.06
CA ASN B 28 -22.17 -8.73 -1.00
C ASN B 28 -21.42 -7.48 -1.45
N ASN B 29 -20.13 -7.64 -1.68
CA ASN B 29 -19.26 -6.56 -2.16
C ASN B 29 -19.12 -5.35 -1.24
N ALA B 30 -19.38 -5.54 0.04
CA ALA B 30 -19.24 -4.46 1.02
C ALA B 30 -18.67 -5.06 2.29
N VAL B 31 -18.12 -4.20 3.15
CA VAL B 31 -17.58 -4.68 4.41
C VAL B 31 -18.64 -4.58 5.50
N GLN B 32 -18.97 -5.71 6.10
CA GLN B 32 -19.92 -5.73 7.21
C GLN B 32 -19.05 -5.71 8.45
N LEU B 33 -18.92 -4.53 9.07
CA LEU B 33 -18.07 -4.42 10.25
C LEU B 33 -18.60 -5.22 11.42
N THR B 34 -19.92 -5.19 11.60
CA THR B 34 -20.55 -5.94 12.70
C THR B 34 -21.23 -7.17 12.15
N LYS B 35 -21.32 -8.20 13.00
CA LYS B 35 -21.91 -9.48 12.63
C LYS B 35 -23.38 -9.43 12.22
N THR B 36 -23.71 -10.21 11.20
CA THR B 36 -25.08 -10.32 10.69
C THR B 36 -25.39 -11.80 10.61
N ASP B 37 -26.64 -12.18 10.85
CA ASP B 37 -27.00 -13.59 10.78
C ASP B 37 -27.13 -14.07 9.33
N SER B 38 -27.69 -15.26 9.16
CA SER B 38 -27.86 -15.85 7.83
C SER B 38 -28.71 -14.98 6.89
N ASN B 39 -29.74 -14.35 7.44
CA ASN B 39 -30.63 -13.51 6.64
C ASN B 39 -30.03 -12.13 6.39
N GLY B 40 -28.86 -11.87 6.96
CA GLY B 40 -28.21 -10.59 6.76
C GLY B 40 -28.67 -9.55 7.76
N ASN B 41 -29.40 -10.00 8.78
CA ASN B 41 -29.90 -9.11 9.82
C ASN B 41 -28.84 -8.90 10.90
N PRO B 42 -28.82 -7.72 11.52
CA PRO B 42 -27.86 -7.40 12.58
C PRO B 42 -28.15 -8.15 13.88
N VAL B 43 -27.09 -8.42 14.64
CA VAL B 43 -27.22 -9.12 15.91
C VAL B 43 -26.51 -8.29 16.99
N ALA B 44 -26.87 -8.54 18.25
CA ALA B 44 -26.27 -7.81 19.36
C ALA B 44 -24.90 -8.35 19.75
N SER B 45 -24.20 -7.56 20.57
CA SER B 45 -22.88 -7.94 21.08
C SER B 45 -21.87 -8.31 20.00
N THR B 46 -21.50 -7.34 19.19
CA THR B 46 -20.54 -7.58 18.12
C THR B 46 -19.65 -6.36 17.92
N VAL B 47 -18.39 -6.62 17.56
CA VAL B 47 -17.44 -5.55 17.30
C VAL B 47 -16.56 -6.03 16.15
N GLY B 48 -16.20 -5.11 15.27
CA GLY B 48 -15.36 -5.46 14.15
C GLY B 48 -14.63 -4.24 13.63
N ARG B 49 -13.45 -4.45 13.06
CA ARG B 49 -12.66 -3.35 12.52
C ARG B 49 -11.86 -3.86 11.33
N ILE B 50 -11.46 -2.96 10.44
CA ILE B 50 -10.59 -3.33 9.32
C ILE B 50 -9.52 -2.25 9.27
N LEU B 51 -8.34 -2.63 8.81
CA LEU B 51 -7.22 -1.71 8.68
C LEU B 51 -6.54 -2.01 7.35
N PHE B 52 -6.00 -0.99 6.70
CA PHE B 52 -5.28 -1.26 5.46
C PHE B 52 -3.93 -1.80 5.94
N SER B 53 -3.41 -2.82 5.27
CA SER B 53 -2.15 -3.44 5.68
C SER B 53 -0.92 -2.55 5.63
N ALA B 54 -0.75 -1.78 4.55
CA ALA B 54 0.41 -0.91 4.45
C ALA B 54 0.37 0.23 5.45
N GLN B 55 1.49 0.50 6.10
CA GLN B 55 1.56 1.58 7.08
C GLN B 55 1.68 2.92 6.38
N VAL B 56 1.07 3.94 6.96
CA VAL B 56 1.10 5.29 6.40
C VAL B 56 2.12 6.13 7.15
N HIS B 57 2.93 6.89 6.42
CA HIS B 57 3.92 7.74 7.07
C HIS B 57 3.23 9.08 7.30
N LEU B 58 2.72 9.25 8.52
CA LEU B 58 1.99 10.46 8.91
C LEU B 58 2.86 11.70 9.08
N TRP B 59 4.03 11.53 9.69
CA TRP B 59 4.96 12.65 9.86
C TRP B 59 6.38 12.13 10.01
N GLU B 60 7.34 12.99 9.76
CA GLU B 60 8.75 12.59 9.84
C GLU B 60 9.54 13.60 10.65
N LYS B 61 9.96 13.17 11.84
CA LYS B 61 10.71 14.01 12.77
C LYS B 61 11.97 14.63 12.15
N SER B 62 12.77 13.79 11.49
CA SER B 62 14.01 14.24 10.88
C SER B 62 13.90 15.27 9.76
N SER B 63 12.74 15.38 9.13
CA SER B 63 12.58 16.32 8.03
C SER B 63 11.56 17.42 8.27
N SER B 64 10.94 17.42 9.44
CA SER B 64 9.93 18.44 9.78
C SER B 64 8.74 18.42 8.81
N ARG B 65 8.41 17.24 8.28
CA ARG B 65 7.28 17.13 7.36
C ARG B 65 6.09 16.45 8.03
N VAL B 66 4.90 16.80 7.58
CA VAL B 66 3.66 16.21 8.10
C VAL B 66 2.80 15.91 6.88
N ALA B 67 2.11 14.78 6.90
CA ALA B 67 1.29 14.40 5.77
C ALA B 67 -0.02 15.15 5.59
N ASN B 68 -0.35 15.37 4.32
CA ASN B 68 -1.60 15.99 3.92
C ASN B 68 -2.37 14.73 3.50
N PHE B 69 -3.50 14.44 4.12
CA PHE B 69 -4.25 13.24 3.71
C PHE B 69 -5.73 13.47 3.52
N GLN B 70 -6.35 12.61 2.72
CA GLN B 70 -7.78 12.70 2.46
C GLN B 70 -8.35 11.29 2.45
N SER B 71 -9.49 11.11 3.10
CA SER B 71 -10.15 9.81 3.16
C SER B 71 -11.60 10.03 2.76
N GLN B 72 -12.02 9.38 1.68
CA GLN B 72 -13.39 9.52 1.19
C GLN B 72 -14.04 8.14 1.33
N PHE B 73 -15.24 8.10 1.91
CA PHE B 73 -15.89 6.80 2.07
C PHE B 73 -17.39 6.92 2.16
N SER B 74 -18.08 5.81 1.96
CA SER B 74 -19.54 5.78 2.05
C SER B 74 -19.96 4.57 2.89
N PHE B 75 -20.99 4.75 3.70
CA PHE B 75 -21.50 3.65 4.53
C PHE B 75 -23.00 3.82 4.71
N SER B 76 -23.64 2.75 5.17
CA SER B 76 -25.07 2.79 5.42
C SER B 76 -25.34 1.98 6.68
N LEU B 77 -26.36 2.38 7.41
CA LEU B 77 -26.75 1.71 8.66
C LEU B 77 -28.18 1.24 8.49
N LYS B 78 -28.48 0.05 9.00
CA LYS B 78 -29.81 -0.53 8.86
C LYS B 78 -30.20 -1.27 10.14
N SER B 79 -31.41 -1.03 10.63
CA SER B 79 -31.87 -1.72 11.83
C SER B 79 -33.38 -1.67 11.98
N PRO B 80 -34.01 -2.81 12.32
CA PRO B 80 -35.45 -2.88 12.51
C PRO B 80 -35.86 -2.17 13.83
N LEU B 81 -34.90 -1.95 14.72
CA LEU B 81 -35.14 -1.29 16.02
C LEU B 81 -35.26 0.21 15.89
N SER B 82 -35.92 0.85 16.84
CA SER B 82 -36.06 2.31 16.81
C SER B 82 -34.79 3.02 17.30
N ASN B 83 -33.94 2.28 17.99
CA ASN B 83 -32.71 2.86 18.51
C ASN B 83 -31.45 2.03 18.12
N GLY B 84 -31.15 1.96 16.82
CA GLY B 84 -29.99 1.23 16.36
C GLY B 84 -28.72 1.75 17.01
N ALA B 85 -27.81 0.85 17.34
CA ALA B 85 -26.55 1.19 18.00
C ALA B 85 -25.42 0.32 17.45
N ASP B 86 -24.16 0.71 17.65
CA ASP B 86 -23.76 1.92 18.38
C ASP B 86 -23.15 2.99 17.50
N GLY B 87 -22.61 2.60 16.36
CA GLY B 87 -22.00 3.58 15.48
C GLY B 87 -20.73 3.02 14.73
N ILE B 88 -20.30 3.82 13.78
CA ILE B 88 -19.11 3.50 12.99
C ILE B 88 -18.11 4.64 13.08
N ALA B 89 -16.84 4.32 12.96
CA ALA B 89 -15.82 5.34 13.02
C ALA B 89 -14.64 5.07 12.12
N PHE B 90 -14.11 6.14 11.53
CA PHE B 90 -12.92 6.07 10.71
C PHE B 90 -11.85 6.42 11.73
N PHE B 91 -10.76 5.67 11.80
CA PHE B 91 -9.74 6.00 12.78
C PHE B 91 -8.32 5.83 12.30
N ILE B 92 -7.41 6.47 13.04
CA ILE B 92 -5.97 6.43 12.75
C ILE B 92 -5.33 6.05 14.08
N ALA B 93 -4.49 5.02 14.08
CA ALA B 93 -3.85 4.58 15.31
C ALA B 93 -2.50 3.93 15.04
N PRO B 94 -1.77 3.53 16.11
CA PRO B 94 -0.47 2.90 15.93
C PRO B 94 -0.68 1.61 15.13
N PRO B 95 0.33 1.19 14.36
CA PRO B 95 0.27 -0.01 13.52
C PRO B 95 -0.14 -1.30 14.18
N ASP B 96 0.22 -1.46 15.44
CA ASP B 96 -0.08 -2.69 16.16
C ASP B 96 -1.41 -2.67 16.92
N THR B 97 -2.27 -1.71 16.60
CA THR B 97 -3.56 -1.58 17.26
C THR B 97 -4.44 -2.82 17.11
N THR B 98 -5.09 -3.20 18.20
CA THR B 98 -6.01 -4.35 18.22
C THR B 98 -7.25 -3.93 19.02
N ILE B 99 -8.30 -4.73 18.94
CA ILE B 99 -9.53 -4.41 19.67
C ILE B 99 -9.28 -4.52 21.18
N PRO B 100 -9.46 -3.42 21.92
CA PRO B 100 -9.26 -3.39 23.38
C PRO B 100 -10.28 -4.27 24.08
N SER B 101 -9.88 -4.87 25.19
CA SER B 101 -10.78 -5.74 25.93
C SER B 101 -11.96 -4.93 26.47
N GLY B 102 -13.17 -5.42 26.22
CA GLY B 102 -14.38 -4.74 26.69
C GLY B 102 -14.68 -3.41 26.01
N SER B 103 -14.23 -3.26 24.77
CA SER B 103 -14.45 -2.02 24.03
C SER B 103 -15.73 -2.02 23.23
N GLY B 104 -16.63 -2.95 23.52
CA GLY B 104 -17.88 -3.03 22.79
C GLY B 104 -18.85 -1.89 23.07
N GLY B 105 -20.03 -1.98 22.46
CA GLY B 105 -21.05 -0.97 22.67
C GLY B 105 -20.61 0.45 22.36
N GLY B 106 -20.91 1.35 23.30
CA GLY B 106 -20.58 2.76 23.14
C GLY B 106 -19.11 3.11 23.02
N LEU B 107 -18.23 2.14 23.26
CA LEU B 107 -16.80 2.42 23.14
C LEU B 107 -16.32 2.21 21.71
N LEU B 108 -17.26 1.80 20.87
CA LEU B 108 -17.03 1.60 19.44
C LEU B 108 -15.85 0.75 19.02
N GLY B 109 -15.38 -0.11 19.92
CA GLY B 109 -14.25 -0.97 19.62
C GLY B 109 -12.93 -0.20 19.55
N LEU B 110 -12.94 1.02 20.06
CA LEU B 110 -11.75 1.88 20.04
C LEU B 110 -11.08 2.10 21.39
N PHE B 111 -11.85 2.07 22.47
CA PHE B 111 -11.29 2.31 23.79
C PHE B 111 -11.63 1.25 24.83
N ALA B 112 -10.79 1.17 25.85
CA ALA B 112 -11.01 0.24 26.96
C ALA B 112 -11.79 1.04 28.00
N PRO B 113 -12.71 0.39 28.73
CA PRO B 113 -13.52 1.07 29.74
C PRO B 113 -12.71 1.86 30.75
N GLY B 114 -11.65 1.23 31.24
CA GLY B 114 -10.79 1.84 32.24
C GLY B 114 -10.15 3.16 31.87
N THR B 115 -9.84 3.36 30.60
CA THR B 115 -9.18 4.60 30.19
C THR B 115 -9.84 5.29 29.01
N ALA B 116 -11.11 4.99 28.76
CA ALA B 116 -11.84 5.57 27.65
C ALA B 116 -11.87 7.10 27.63
N GLN B 117 -11.77 7.73 28.80
CA GLN B 117 -11.78 9.19 28.85
C GLN B 117 -10.48 9.77 29.37
N ASN B 118 -9.43 8.96 29.37
CA ASN B 118 -8.11 9.40 29.82
C ASN B 118 -7.26 9.67 28.57
N THR B 119 -7.19 10.92 28.16
CA THR B 119 -6.44 11.30 26.95
C THR B 119 -4.96 10.97 27.02
N SER B 120 -4.45 10.75 28.23
CA SER B 120 -3.03 10.45 28.41
C SER B 120 -2.71 8.96 28.23
N ALA B 121 -3.75 8.13 28.14
CA ALA B 121 -3.55 6.69 27.97
C ALA B 121 -3.91 6.17 26.59
N ASN B 122 -4.25 7.06 25.67
CA ASN B 122 -4.64 6.65 24.33
C ASN B 122 -3.88 7.37 23.23
N GLN B 123 -3.84 6.73 22.06
CA GLN B 123 -3.18 7.30 20.87
C GLN B 123 -4.10 6.96 19.72
N VAL B 124 -5.09 7.80 19.49
CA VAL B 124 -6.05 7.58 18.42
C VAL B 124 -6.81 8.83 18.04
N ILE B 125 -7.00 9.00 16.74
CA ILE B 125 -7.78 10.11 16.21
C ILE B 125 -8.88 9.40 15.44
N ALA B 126 -10.12 9.76 15.70
CA ALA B 126 -11.24 9.11 15.01
C ALA B 126 -12.38 10.07 14.73
N VAL B 127 -13.14 9.74 13.69
CA VAL B 127 -14.30 10.53 13.32
C VAL B 127 -15.43 9.53 13.49
N GLU B 128 -16.30 9.78 14.45
CA GLU B 128 -17.41 8.88 14.75
C GLU B 128 -18.76 9.37 14.25
N PHE B 129 -19.60 8.40 13.92
CA PHE B 129 -20.98 8.64 13.50
C PHE B 129 -21.69 7.78 14.54
N ASP B 130 -22.06 8.45 15.61
CA ASP B 130 -22.66 7.87 16.80
C ASP B 130 -24.18 7.96 16.83
N THR B 131 -24.85 6.82 16.82
CA THR B 131 -26.32 6.78 16.80
C THR B 131 -26.99 6.47 18.13
N PHE B 132 -26.21 6.10 19.14
CA PHE B 132 -26.78 5.75 20.43
C PHE B 132 -26.24 6.69 21.48
N TYR B 133 -27.13 7.41 22.16
CA TYR B 133 -26.74 8.41 23.15
C TYR B 133 -27.48 8.34 24.48
N ALA B 134 -27.94 7.17 24.88
CA ALA B 134 -28.64 7.02 26.16
C ALA B 134 -27.79 7.64 27.25
N GLN B 135 -28.28 8.72 27.84
CA GLN B 135 -27.59 9.45 28.89
C GLN B 135 -27.28 8.61 30.12
N ASP B 136 -27.89 7.45 30.24
CA ASP B 136 -27.64 6.60 31.40
C ASP B 136 -26.42 5.70 31.22
N SER B 137 -26.09 5.34 29.96
CA SER B 137 -24.92 4.51 29.71
C SER B 137 -23.84 5.32 29.00
N ASN B 138 -24.19 6.00 27.91
CA ASN B 138 -23.23 6.82 27.18
C ASN B 138 -23.25 8.23 27.78
N THR B 139 -22.81 8.32 29.03
CA THR B 139 -22.80 9.58 29.78
C THR B 139 -22.01 10.72 29.14
N TRP B 140 -21.03 10.37 28.32
CA TRP B 140 -20.17 11.35 27.65
C TRP B 140 -20.78 11.99 26.40
N ASP B 141 -21.85 11.39 25.87
CA ASP B 141 -22.48 11.90 24.66
C ASP B 141 -23.50 13.01 24.81
N PRO B 142 -23.64 13.85 23.78
CA PRO B 142 -24.62 14.93 23.79
C PRO B 142 -25.93 14.13 23.65
N ASN B 143 -27.09 14.73 23.92
CA ASN B 143 -28.34 13.96 23.84
C ASN B 143 -29.04 13.94 22.48
N TYR B 144 -28.33 13.39 21.49
CA TYR B 144 -28.86 13.27 20.13
C TYR B 144 -27.80 12.61 19.24
N PRO B 145 -28.23 12.02 18.12
CA PRO B 145 -27.27 11.38 17.20
C PRO B 145 -26.30 12.46 16.72
N HIS B 146 -25.03 12.11 16.54
CA HIS B 146 -24.05 13.10 16.16
C HIS B 146 -22.81 12.58 15.45
N ILE B 147 -22.08 13.51 14.84
CA ILE B 147 -20.81 13.22 14.20
C ILE B 147 -19.85 13.83 15.19
N GLY B 148 -18.80 13.09 15.54
CA GLY B 148 -17.85 13.63 16.50
C GLY B 148 -16.41 13.40 16.11
N ILE B 149 -15.54 14.27 16.61
CA ILE B 149 -14.12 14.13 16.36
C ILE B 149 -13.55 13.69 17.71
N ASP B 150 -12.91 12.54 17.72
CA ASP B 150 -12.34 11.97 18.93
C ASP B 150 -10.83 12.01 18.93
N VAL B 151 -10.25 12.61 19.97
CA VAL B 151 -8.81 12.69 20.08
C VAL B 151 -8.42 12.11 21.43
N ASN B 152 -7.99 10.85 21.41
CA ASN B 152 -7.57 10.12 22.61
C ASN B 152 -8.64 9.94 23.66
N SER B 153 -9.91 10.11 23.28
CA SER B 153 -11.01 9.96 24.24
C SER B 153 -12.34 9.70 23.54
N ILE B 154 -13.22 8.93 24.17
CA ILE B 154 -14.53 8.62 23.60
C ILE B 154 -15.44 9.85 23.74
N ARG B 155 -14.98 10.75 24.60
CA ARG B 155 -15.65 12.01 24.86
C ARG B 155 -15.12 12.96 23.79
N SER B 156 -15.88 13.11 22.70
CA SER B 156 -15.48 13.94 21.55
C SER B 156 -15.04 15.36 21.89
N VAL B 157 -14.00 15.83 21.20
CA VAL B 157 -13.53 17.20 21.45
C VAL B 157 -14.52 18.16 20.82
N LYS B 158 -15.34 17.64 19.91
CA LYS B 158 -16.35 18.46 19.26
C LYS B 158 -17.35 17.57 18.51
N THR B 159 -18.61 17.94 18.58
CA THR B 159 -19.69 17.19 17.93
C THR B 159 -20.65 18.15 17.23
N VAL B 160 -21.40 17.63 16.27
CA VAL B 160 -22.41 18.42 15.56
C VAL B 160 -23.61 17.49 15.41
N LYS B 161 -24.81 18.05 15.43
CA LYS B 161 -26.01 17.23 15.31
C LYS B 161 -26.06 16.56 13.95
N TRP B 162 -26.48 15.30 13.95
CA TRP B 162 -26.55 14.51 12.71
C TRP B 162 -27.86 13.72 12.69
N ASP B 163 -28.34 13.43 11.49
CA ASP B 163 -29.58 12.67 11.36
C ASP B 163 -29.27 11.26 10.87
N ARG B 164 -29.72 10.24 11.59
CA ARG B 164 -29.50 8.86 11.16
C ARG B 164 -30.64 8.54 10.19
N ARG B 165 -30.30 8.04 9.01
CA ARG B 165 -31.31 7.69 8.02
C ARG B 165 -31.10 6.22 7.64
N ASP B 166 -32.05 5.39 8.08
CA ASP B 166 -31.98 3.94 7.86
C ASP B 166 -31.87 3.57 6.39
N GLY B 167 -30.88 2.73 6.07
CA GLY B 167 -30.70 2.26 4.71
C GLY B 167 -30.20 3.25 3.67
N GLN B 168 -29.89 4.47 4.08
CA GLN B 168 -29.39 5.47 3.13
C GLN B 168 -27.89 5.66 3.28
N SER B 169 -27.20 5.73 2.14
CA SER B 169 -25.74 5.91 2.17
C SER B 169 -25.31 7.33 2.49
N LEU B 170 -24.30 7.45 3.35
CA LEU B 170 -23.75 8.73 3.70
C LEU B 170 -22.36 8.79 3.08
N ASN B 171 -22.07 9.85 2.33
CA ASN B 171 -20.75 10.01 1.71
C ASN B 171 -19.99 10.97 2.60
N VAL B 172 -18.76 10.59 2.94
CA VAL B 172 -17.94 11.39 3.85
C VAL B 172 -16.57 11.69 3.28
N LEU B 173 -16.10 12.91 3.51
CA LEU B 173 -14.75 13.30 3.09
C LEU B 173 -14.06 13.85 4.33
N VAL B 174 -12.96 13.21 4.73
CA VAL B 174 -12.18 13.65 5.89
C VAL B 174 -10.84 14.12 5.33
N THR B 175 -10.46 15.36 5.65
CA THR B 175 -9.19 15.88 5.15
C THR B 175 -8.38 16.50 6.27
N PHE B 176 -7.07 16.47 6.11
CA PHE B 176 -6.18 17.08 7.10
C PHE B 176 -5.17 17.93 6.35
N ASN B 177 -5.08 19.20 6.72
CA ASN B 177 -4.15 20.12 6.08
C ASN B 177 -3.08 20.45 7.12
N PRO B 178 -1.84 19.98 6.91
CA PRO B 178 -0.72 20.22 7.83
C PRO B 178 -0.33 21.68 8.00
N SER B 179 -0.67 22.51 7.02
CA SER B 179 -0.33 23.93 7.09
C SER B 179 -1.17 24.66 8.12
N THR B 180 -2.46 24.33 8.16
CA THR B 180 -3.40 24.95 9.08
C THR B 180 -3.69 24.03 10.26
N ARG B 181 -3.30 22.77 10.13
CA ARG B 181 -3.53 21.76 11.16
C ARG B 181 -5.02 21.51 11.36
N ASN B 182 -5.81 21.83 10.33
CA ASN B 182 -7.25 21.63 10.40
C ASN B 182 -7.67 20.25 9.90
N LEU B 183 -8.47 19.57 10.71
CA LEU B 183 -9.01 18.26 10.34
C LEU B 183 -10.45 18.61 10.01
N ASP B 184 -10.82 18.48 8.73
CA ASP B 184 -12.17 18.82 8.30
C ASP B 184 -12.98 17.59 7.94
N VAL B 185 -14.27 17.64 8.27
CA VAL B 185 -15.18 16.55 7.95
C VAL B 185 -16.40 17.11 7.24
N VAL B 186 -16.74 16.54 6.09
CA VAL B 186 -17.91 16.94 5.34
C VAL B 186 -18.66 15.66 4.99
N ALA B 187 -19.93 15.60 5.37
CA ALA B 187 -20.73 14.40 5.11
C ALA B 187 -22.02 14.82 4.41
N THR B 188 -22.46 14.03 3.44
CA THR B 188 -23.67 14.37 2.72
C THR B 188 -24.53 13.15 2.41
N TYR B 189 -25.84 13.36 2.36
CA TYR B 189 -26.78 12.31 1.97
C TYR B 189 -27.08 12.62 0.50
N SER B 190 -27.68 11.67 -0.21
CA SER B 190 -27.96 11.87 -1.63
C SER B 190 -28.92 13.00 -1.99
N ASP B 191 -29.65 13.54 -1.01
CA ASP B 191 -30.58 14.61 -1.30
C ASP B 191 -29.94 15.98 -1.09
N GLY B 192 -28.64 15.99 -0.81
CA GLY B 192 -27.93 17.24 -0.61
C GLY B 192 -27.77 17.69 0.83
N THR B 193 -28.41 16.98 1.77
CA THR B 193 -28.27 17.36 3.17
C THR B 193 -26.80 17.23 3.54
N ARG B 194 -26.25 18.28 4.13
CA ARG B 194 -24.83 18.35 4.44
C ARG B 194 -24.54 18.63 5.92
N TYR B 195 -23.45 18.03 6.41
CA TYR B 195 -23.00 18.22 7.80
C TYR B 195 -21.51 18.53 7.71
N GLU B 196 -21.06 19.50 8.49
CA GLU B 196 -19.65 19.89 8.47
C GLU B 196 -19.13 20.14 9.89
N VAL B 197 -17.90 19.73 10.14
CA VAL B 197 -17.29 19.95 11.43
C VAL B 197 -15.77 19.97 11.25
N SER B 198 -15.10 20.89 11.94
CA SER B 198 -13.66 21.02 11.83
C SER B 198 -12.98 21.18 13.18
N TYR B 199 -11.71 20.77 13.25
CA TYR B 199 -10.97 20.88 14.50
C TYR B 199 -9.48 21.02 14.23
N GLU B 200 -8.83 21.89 15.00
CA GLU B 200 -7.40 22.10 14.81
C GLU B 200 -6.62 21.18 15.75
N VAL B 201 -5.77 20.34 15.17
CA VAL B 201 -4.98 19.40 15.98
C VAL B 201 -3.63 19.13 15.35
N ASP B 202 -2.60 19.09 16.17
CA ASP B 202 -1.24 18.81 15.72
C ASP B 202 -1.09 17.29 15.86
N VAL B 203 -1.22 16.57 14.76
CA VAL B 203 -1.13 15.11 14.80
C VAL B 203 0.20 14.58 15.36
N ARG B 204 1.25 15.40 15.29
CA ARG B 204 2.57 14.98 15.78
C ARG B 204 2.60 14.77 17.29
N SER B 205 1.70 15.43 18.01
CA SER B 205 1.67 15.30 19.47
C SER B 205 0.71 14.21 19.92
N VAL B 206 -0.01 13.61 19.00
CA VAL B 206 -0.98 12.58 19.34
C VAL B 206 -0.64 11.18 18.83
N LEU B 207 -0.09 11.12 17.62
CA LEU B 207 0.24 9.85 16.98
C LEU B 207 1.71 9.69 16.60
N PRO B 208 2.17 8.43 16.48
CA PRO B 208 3.55 8.13 16.11
C PRO B 208 3.75 8.47 14.63
N GLU B 209 5.00 8.45 14.16
CA GLU B 209 5.32 8.78 12.77
C GLU B 209 4.61 7.86 11.77
N TRP B 210 4.58 6.57 12.06
CA TRP B 210 3.91 5.61 11.18
C TRP B 210 2.63 5.11 11.85
N VAL B 211 1.56 5.03 11.07
CA VAL B 211 0.27 4.59 11.59
C VAL B 211 -0.47 3.72 10.59
N ARG B 212 -1.61 3.17 11.03
CA ARG B 212 -2.46 2.40 10.15
C ARG B 212 -3.83 3.09 10.21
N VAL B 213 -4.58 3.01 9.11
CA VAL B 213 -5.89 3.65 9.05
C VAL B 213 -6.95 2.59 8.82
N GLY B 214 -8.16 2.85 9.30
CA GLY B 214 -9.22 1.88 9.11
C GLY B 214 -10.55 2.33 9.67
N PHE B 215 -11.44 1.37 9.87
CA PHE B 215 -12.77 1.64 10.41
C PHE B 215 -13.09 0.67 11.53
N SER B 216 -13.97 1.11 12.42
CA SER B 216 -14.39 0.29 13.56
C SER B 216 -15.88 0.53 13.79
N ALA B 217 -16.55 -0.49 14.29
CA ALA B 217 -17.98 -0.36 14.57
C ALA B 217 -18.32 -1.37 15.65
N ALA B 218 -19.42 -1.13 16.35
CA ALA B 218 -19.83 -2.05 17.40
C ALA B 218 -21.32 -1.91 17.68
N SER B 219 -21.88 -2.93 18.32
CA SER B 219 -23.28 -2.96 18.72
C SER B 219 -23.33 -3.65 20.07
N GLY B 220 -24.01 -3.02 21.03
CA GLY B 220 -24.14 -3.61 22.35
C GLY B 220 -25.49 -4.30 22.43
N GLU B 221 -26.32 -3.91 23.39
CA GLU B 221 -27.64 -4.49 23.56
C GLU B 221 -28.52 -4.14 22.36
N GLN B 222 -28.37 -2.92 21.86
CA GLN B 222 -29.11 -2.46 20.68
C GLN B 222 -28.18 -2.70 19.50
N TYR B 223 -28.73 -2.88 18.32
CA TYR B 223 -27.90 -3.19 17.16
C TYR B 223 -28.38 -2.67 15.82
N GLN B 224 -27.46 -2.70 14.85
CA GLN B 224 -27.71 -2.25 13.49
C GLN B 224 -26.51 -2.70 12.66
N THR B 225 -26.69 -2.82 11.36
CA THR B 225 -25.57 -3.20 10.51
C THR B 225 -24.74 -1.93 10.31
N HIS B 226 -23.44 -2.10 10.08
CA HIS B 226 -22.54 -0.97 9.81
C HIS B 226 -21.81 -1.42 8.56
N THR B 227 -22.34 -1.00 7.42
CA THR B 227 -21.83 -1.42 6.13
C THR B 227 -20.96 -0.38 5.41
N LEU B 228 -19.68 -0.69 5.26
CA LEU B 228 -18.74 0.19 4.56
C LEU B 228 -18.86 -0.22 3.09
N GLU B 229 -19.29 0.73 2.27
CA GLU B 229 -19.53 0.49 0.84
C GLU B 229 -18.38 0.85 -0.11
N SER B 230 -17.61 1.88 0.23
CA SER B 230 -16.49 2.31 -0.62
C SER B 230 -15.50 3.11 0.21
N TRP B 231 -14.25 3.16 -0.25
CA TRP B 231 -13.23 3.89 0.48
C TRP B 231 -12.01 4.21 -0.39
N SER B 232 -11.59 5.47 -0.37
CA SER B 232 -10.39 5.86 -1.12
C SER B 232 -9.57 6.69 -0.14
N PHE B 233 -8.26 6.55 -0.20
CA PHE B 233 -7.38 7.25 0.71
C PHE B 233 -6.11 7.69 0.01
N THR B 234 -5.61 8.86 0.39
CA THR B 234 -4.37 9.36 -0.18
C THR B 234 -3.64 10.16 0.89
N SER B 235 -2.32 10.06 0.88
CA SER B 235 -1.51 10.78 1.85
C SER B 235 -0.18 11.13 1.20
N THR B 236 0.32 12.33 1.48
CA THR B 236 1.60 12.77 0.94
C THR B 236 2.30 13.67 1.95
N LEU B 237 3.57 13.40 2.22
CA LEU B 237 4.33 14.21 3.16
C LEU B 237 4.69 15.56 2.57
N LEU B 238 4.43 16.61 3.33
CA LEU B 238 4.72 17.98 2.88
C LEU B 238 5.54 18.75 3.90
N TYR B 239 6.27 19.75 3.42
CA TYR B 239 7.10 20.59 4.29
C TYR B 239 6.23 21.61 5.01
N THR B 240 6.50 21.80 6.30
CA THR B 240 5.75 22.75 7.11
C THR B 240 6.70 23.78 7.73
N ALA B 241 6.27 25.03 7.76
C1 MMA C . 34.05 -15.16 -15.47
C2 MMA C . 32.55 -15.37 -15.26
C3 MMA C . 32.34 -16.40 -14.14
C4 MMA C . 33.05 -17.70 -14.49
C5 MMA C . 34.53 -17.41 -14.77
C6 MMA C . 35.28 -18.65 -15.22
C7 MMA C . 35.99 -14.27 -14.40
O1 MMA C . 34.63 -14.68 -14.31
O2 MMA C . 31.94 -15.83 -16.46
O3 MMA C . 30.93 -16.64 -13.93
O4 MMA C . 32.92 -18.62 -13.42
O5 MMA C . 34.67 -16.42 -15.81
O6 MMA C . 34.60 -19.29 -16.29
C1 MAN C . 30.42 -16.15 -12.72
C2 MAN C . 28.97 -16.61 -12.56
C3 MAN C . 28.07 -15.92 -13.59
C4 MAN C . 28.24 -14.40 -13.54
C5 MAN C . 29.73 -14.03 -13.66
C6 MAN C . 29.98 -12.54 -13.48
O2 MAN C . 28.51 -16.30 -11.23
O3 MAN C . 26.71 -16.26 -13.34
O4 MAN C . 27.51 -13.80 -14.61
O5 MAN C . 30.49 -14.72 -12.65
O6 MAN C . 29.69 -12.13 -12.16
MN MN D . 20.49 -10.61 -20.35
CA CA E . 23.97 -11.35 -18.15
MN MN F . -20.36 10.03 20.78
CA CA G . -22.69 6.72 21.78
#